data_6PVW
#
_entry.id   6PVW
#
_cell.length_a   100.640
_cell.length_b   32.710
_cell.length_c   72.680
_cell.angle_alpha   90.000
_cell.angle_beta   90.570
_cell.angle_gamma   90.000
#
_symmetry.space_group_name_H-M   'C 1 2 1'
#
loop_
_entity.id
_entity.type
_entity.pdbx_description
1 polymer 'Ribonuclease pancreatic'
2 non-polymer "5'-O-[(R)-hydroxy{[(4R,8S)-4,6,8-trihydroxy-2,4,6,8-tetraoxo-1,3,5,7,2lambda~5~,4lambda~5~,6lambda~5~,8lambda~5~-tetroxatetraphosphocan-2-yl]oxy}phosphoryl]adenosine"
3 non-polymer 2,4,6,8-tetrahydroxy-1,3,5,7,2lambda~5~,4lambda~5~,6lambda~5~,8lambda~5~-tetroxatetraphosphocane-2,4,6,8-tetrone
4 water water
#
_entity_poly.entity_id   1
_entity_poly.type   'polypeptide(L)'
_entity_poly.pdbx_seq_one_letter_code
;KETAAAKFERQHMDSSTSAASSSNYCNQMMKSRNLTKDRCKPVNTFVHESLADVQAVCSQKNVACKNGQTNCYQSYSTMS
ITDCRETGSSKYPNCAYKTTQANKHIIVACEGNPYVPVHFDASV
;
_entity_poly.pdbx_strand_id   A,B
#
# COMPACT_ATOMS: atom_id res chain seq x y z
N LYS A 1 4.83 -13.09 24.07
CA LYS A 1 3.40 -12.99 23.83
C LYS A 1 3.13 -13.03 22.32
N GLU A 2 1.86 -12.89 21.94
CA GLU A 2 1.52 -12.69 20.53
C GLU A 2 1.84 -11.24 20.18
N THR A 3 2.64 -11.05 19.14
CA THR A 3 2.92 -9.69 18.67
C THR A 3 1.68 -9.11 18.02
N ALA A 4 1.64 -7.77 17.97
CA ALA A 4 0.52 -7.08 17.33
C ALA A 4 0.43 -7.43 15.85
N ALA A 5 1.58 -7.59 15.18
CA ALA A 5 1.55 -8.03 13.79
C ALA A 5 0.93 -9.41 13.66
N ALA A 6 1.29 -10.34 14.55
CA ALA A 6 0.71 -11.68 14.50
C ALA A 6 -0.79 -11.65 14.81
N LYS A 7 -1.19 -10.82 15.76
CA LYS A 7 -2.61 -10.68 16.07
C LYS A 7 -3.38 -10.16 14.86
N PHE A 8 -2.82 -9.18 14.14
CA PHE A 8 -3.45 -8.74 12.91
C PHE A 8 -3.62 -9.90 11.92
N GLU A 9 -2.57 -10.72 11.73
CA GLU A 9 -2.69 -11.86 10.83
C GLU A 9 -3.78 -12.82 11.28
N ARG A 10 -3.84 -13.13 12.59
CA ARG A 10 -4.86 -14.04 13.10
C ARG A 10 -6.26 -13.47 12.96
N GLN A 11 -6.43 -12.18 13.25
CA GLN A 11 -7.77 -11.63 13.23
C GLN A 11 -8.24 -11.25 11.82
N HIS A 12 -7.34 -11.02 10.87
CA HIS A 12 -7.74 -10.36 9.63
C HIS A 12 -7.24 -10.97 8.32
N MET A 13 -6.29 -11.89 8.33
CA MET A 13 -5.74 -12.44 7.10
C MET A 13 -6.35 -13.82 6.81
N ASP A 14 -6.86 -13.99 5.60
CA ASP A 14 -7.28 -15.31 5.12
C ASP A 14 -7.00 -15.45 3.63
N SER A 15 -5.73 -15.64 3.31
CA SER A 15 -5.27 -15.72 1.93
C SER A 15 -5.64 -17.02 1.23
N SER A 16 -6.18 -18.02 1.93
CA SER A 16 -6.40 -19.34 1.33
C SER A 16 -7.67 -19.43 0.48
N THR A 17 -8.66 -18.57 0.70
CA THR A 17 -9.82 -18.51 -0.17
C THR A 17 -9.82 -17.20 -0.95
N SER A 18 -10.38 -17.25 -2.17
CA SER A 18 -10.50 -16.07 -3.02
C SER A 18 -11.57 -15.12 -2.52
N ALA A 19 -12.58 -15.65 -1.83
CA ALA A 19 -13.75 -14.89 -1.40
C ALA A 19 -14.31 -15.53 -0.13
N ALA A 20 -15.54 -15.17 0.22
CA ALA A 20 -16.21 -15.74 1.39
C ALA A 20 -16.59 -17.17 1.10
N SER A 21 -15.93 -18.11 1.78
CA SER A 21 -16.11 -19.55 1.60
C SER A 21 -17.56 -19.93 1.38
N SER A 22 -18.47 -19.36 2.16
CA SER A 22 -19.87 -19.78 2.14
C SER A 22 -20.68 -18.95 3.14
N SER A 23 -21.99 -19.20 3.22
CA SER A 23 -22.80 -18.59 4.27
C SER A 23 -22.35 -19.02 5.66
N ASN A 24 -21.59 -20.12 5.77
CA ASN A 24 -21.07 -20.58 7.06
C ASN A 24 -19.75 -19.94 7.43
N TYR A 25 -19.13 -19.18 6.51
CA TYR A 25 -17.72 -18.80 6.64
C TYR A 25 -17.46 -18.06 7.95
N CYS A 26 -18.23 -17.02 8.21
CA CYS A 26 -17.98 -16.21 9.40
C CYS A 26 -18.23 -17.00 10.68
N ASN A 27 -19.26 -17.85 10.67
CA ASN A 27 -19.51 -18.65 11.86
C ASN A 27 -18.30 -19.50 12.19
N GLN A 28 -17.73 -20.17 11.18
CA GLN A 28 -16.57 -21.02 11.38
C GLN A 28 -15.33 -20.19 11.70
N MET A 29 -15.10 -19.11 10.94
CA MET A 29 -13.83 -18.40 11.03
C MET A 29 -13.72 -17.56 12.29
N MET A 30 -14.80 -16.88 12.68
CA MET A 30 -14.77 -16.13 13.94
C MET A 30 -14.42 -17.06 15.09
N LYS A 31 -14.87 -18.31 15.04
CA LYS A 31 -14.56 -19.22 16.13
C LYS A 31 -13.12 -19.73 16.01
N SER A 32 -12.72 -20.16 14.82
CA SER A 32 -11.41 -20.78 14.65
C SER A 32 -10.27 -19.80 14.90
N ARG A 33 -10.48 -18.51 14.63
CA ARG A 33 -9.45 -17.51 14.88
C ARG A 33 -9.53 -16.91 16.27
N ASN A 34 -10.36 -17.49 17.15
CA ASN A 34 -10.40 -17.14 18.56
C ASN A 34 -11.03 -15.78 18.82
N LEU A 35 -11.97 -15.36 17.98
CA LEU A 35 -12.65 -14.10 18.17
C LEU A 35 -13.97 -14.25 18.90
N THR A 36 -14.27 -15.45 19.41
CA THR A 36 -15.52 -15.68 20.14
C THR A 36 -15.28 -16.33 21.49
N LYS A 37 -14.07 -16.27 22.02
CA LYS A 37 -13.81 -17.01 23.26
C LYS A 37 -14.21 -16.23 24.50
N ASP A 38 -13.84 -14.95 24.57
CA ASP A 38 -14.22 -14.11 25.69
C ASP A 38 -15.64 -13.56 25.51
N ARG A 39 -16.04 -13.35 24.27
CA ARG A 39 -17.32 -12.75 23.93
C ARG A 39 -17.44 -12.84 22.42
N CYS A 40 -18.64 -12.61 21.91
CA CYS A 40 -18.83 -12.54 20.46
C CYS A 40 -18.24 -11.21 20.00
N LYS A 41 -17.14 -11.23 19.27
CA LYS A 41 -16.67 -9.99 18.68
C LYS A 41 -17.74 -9.49 17.72
N PRO A 42 -18.25 -8.27 17.88
CA PRO A 42 -19.42 -7.86 17.09
C PRO A 42 -19.18 -7.78 15.59
N VAL A 43 -18.06 -7.20 15.14
CA VAL A 43 -17.76 -7.07 13.72
C VAL A 43 -16.29 -7.38 13.49
N ASN A 44 -15.98 -7.93 12.32
CA ASN A 44 -14.59 -8.26 12.00
C ASN A 44 -14.47 -8.52 10.50
N THR A 45 -13.35 -8.10 9.90
CA THR A 45 -13.12 -8.30 8.47
C THR A 45 -11.92 -9.19 8.19
N PHE A 46 -12.06 -10.07 7.19
CA PHE A 46 -10.99 -10.92 6.71
C PHE A 46 -10.61 -10.53 5.29
N VAL A 47 -9.31 -10.50 5.01
CA VAL A 47 -8.78 -10.07 3.72
C VAL A 47 -8.24 -11.29 2.98
N HIS A 48 -8.74 -11.48 1.77
CA HIS A 48 -8.35 -12.60 0.89
C HIS A 48 -7.35 -12.13 -0.16
N GLU A 49 -6.21 -11.68 0.31
CA GLU A 49 -5.08 -11.32 -0.51
C GLU A 49 -3.84 -11.86 0.18
N SER A 50 -2.73 -11.88 -0.54
CA SER A 50 -1.48 -12.35 0.03
C SER A 50 -1.02 -11.46 1.17
N LEU A 51 -0.28 -12.05 2.11
CA LEU A 51 0.29 -11.27 3.20
C LEU A 51 1.14 -10.12 2.65
N ALA A 52 1.93 -10.38 1.62
CA ALA A 52 2.80 -9.33 1.12
C ALA A 52 1.99 -8.16 0.56
N ASP A 53 0.88 -8.46 -0.12
CA ASP A 53 0.02 -7.39 -0.67
C ASP A 53 -0.58 -6.54 0.45
N VAL A 54 -1.01 -7.18 1.56
CA VAL A 54 -1.59 -6.42 2.65
C VAL A 54 -0.50 -5.63 3.40
N GLN A 55 0.67 -6.24 3.62
CA GLN A 55 1.78 -5.52 4.23
C GLN A 55 2.19 -4.30 3.40
N ALA A 56 2.10 -4.41 2.08
CA ALA A 56 2.48 -3.32 1.18
C ALA A 56 1.60 -2.09 1.36
N VAL A 57 0.40 -2.27 1.94
CA VAL A 57 -0.51 -1.16 2.17
C VAL A 57 0.13 -0.11 3.08
N CYS A 58 1.05 -0.54 3.97
CA CYS A 58 1.70 0.41 4.88
C CYS A 58 2.57 1.45 4.17
N SER A 59 2.83 1.27 2.86
CA SER A 59 3.56 2.25 2.07
C SER A 59 2.68 2.92 1.02
N GLN A 60 1.35 2.78 1.14
CA GLN A 60 0.42 3.31 0.16
C GLN A 60 -0.22 4.61 0.67
N LYS A 61 -1.54 4.82 0.51
CA LYS A 61 -2.09 6.18 0.70
C LYS A 61 -2.30 6.48 2.20
N ASN A 62 -1.55 7.43 2.74
CA ASN A 62 -1.70 7.83 4.15
C ASN A 62 -3.00 8.61 4.35
N VAL A 63 -3.82 8.13 5.30
CA VAL A 63 -5.13 8.72 5.63
C VAL A 63 -5.28 8.74 7.14
N ALA A 64 -6.14 9.62 7.64
CA ALA A 64 -6.36 9.67 9.09
C ALA A 64 -7.06 8.40 9.54
N CYS A 65 -6.68 7.92 10.73
CA CYS A 65 -7.38 6.80 11.34
C CYS A 65 -8.65 7.29 12.05
N LYS A 66 -9.59 6.36 12.23
CA LYS A 66 -10.85 6.73 12.89
C LYS A 66 -10.60 7.28 14.29
N ASN A 67 -9.54 6.83 14.98
CA ASN A 67 -9.25 7.35 16.31
C ASN A 67 -8.48 8.66 16.30
N GLY A 68 -8.17 9.22 15.12
CA GLY A 68 -7.46 10.47 15.02
C GLY A 68 -5.96 10.37 14.90
N GLN A 69 -5.40 9.17 15.06
CA GLN A 69 -3.99 9.00 14.80
C GLN A 69 -3.75 9.08 13.30
N THR A 70 -2.47 9.25 12.93
CA THR A 70 -2.07 9.56 11.57
C THR A 70 -1.47 8.38 10.84
N ASN A 71 -1.41 7.22 11.46
CA ASN A 71 -0.67 6.09 10.91
C ASN A 71 -1.57 5.09 10.19
N CYS A 72 -2.57 5.57 9.44
CA CYS A 72 -3.40 4.65 8.66
C CYS A 72 -3.13 4.79 7.16
N TYR A 73 -3.39 3.70 6.44
CA TYR A 73 -3.03 3.62 5.03
C TYR A 73 -4.13 2.92 4.27
N GLN A 74 -4.51 3.50 3.14
CA GLN A 74 -5.58 2.97 2.30
C GLN A 74 -4.96 2.32 1.05
N SER A 75 -5.40 1.12 0.73
CA SER A 75 -4.84 0.40 -0.41
C SER A 75 -5.20 1.11 -1.71
N TYR A 76 -4.24 1.14 -2.65
CA TYR A 76 -4.55 1.77 -3.94
C TYR A 76 -5.48 0.90 -4.76
N SER A 77 -5.35 -0.41 -4.65
CA SER A 77 -6.25 -1.32 -5.35
C SER A 77 -7.35 -1.85 -4.43
N THR A 78 -8.47 -2.23 -5.04
CA THR A 78 -9.48 -2.94 -4.27
C THR A 78 -8.96 -4.34 -3.93
N MET A 79 -9.45 -4.86 -2.81
CA MET A 79 -9.05 -6.16 -2.31
C MET A 79 -10.30 -6.98 -2.03
N SER A 80 -10.18 -8.31 -2.18
CA SER A 80 -11.28 -9.19 -1.82
C SER A 80 -11.33 -9.33 -0.30
N ILE A 81 -12.49 -9.05 0.30
CA ILE A 81 -12.66 -9.09 1.76
C ILE A 81 -13.96 -9.80 2.10
N THR A 82 -14.06 -10.20 3.36
CA THR A 82 -15.29 -10.75 3.92
C THR A 82 -15.58 -10.02 5.22
N ASP A 83 -16.75 -9.41 5.29
CA ASP A 83 -17.22 -8.78 6.53
C ASP A 83 -18.05 -9.78 7.30
N CYS A 84 -17.79 -9.87 8.61
CA CYS A 84 -18.58 -10.70 9.51
C CYS A 84 -19.26 -9.79 10.50
N ARG A 85 -20.59 -9.95 10.65
CA ARG A 85 -21.38 -9.12 11.55
C ARG A 85 -22.31 -10.00 12.36
N GLU A 86 -22.27 -9.82 13.68
CA GLU A 86 -23.09 -10.63 14.58
C GLU A 86 -24.57 -10.42 14.30
N THR A 87 -25.32 -11.51 14.26
CA THR A 87 -26.77 -11.45 14.02
C THR A 87 -27.49 -11.04 15.29
N GLY A 88 -28.82 -11.18 15.27
CA GLY A 88 -29.63 -10.99 16.46
C GLY A 88 -29.78 -12.27 17.27
N SER A 89 -29.94 -13.39 16.56
CA SER A 89 -30.03 -14.69 17.22
C SER A 89 -28.83 -14.95 18.13
N SER A 90 -27.69 -14.34 17.82
CA SER A 90 -26.42 -14.73 18.40
C SER A 90 -26.38 -14.44 19.91
N LYS A 91 -26.10 -15.49 20.69
CA LYS A 91 -25.87 -15.34 22.13
C LYS A 91 -24.63 -16.17 22.49
N TYR A 92 -23.68 -15.50 23.14
CA TYR A 92 -22.38 -16.10 23.46
C TYR A 92 -22.57 -17.38 24.27
N PRO A 93 -21.70 -18.40 24.07
CA PRO A 93 -20.69 -18.44 23.00
C PRO A 93 -21.15 -19.25 21.81
N ASN A 94 -22.45 -19.22 21.52
CA ASN A 94 -22.94 -19.62 20.21
C ASN A 94 -23.10 -18.39 19.33
N CYS A 95 -21.96 -17.75 19.06
CA CYS A 95 -21.96 -16.52 18.30
C CYS A 95 -22.29 -16.80 16.83
N ALA A 96 -23.24 -16.05 16.29
CA ALA A 96 -23.74 -16.24 14.93
C ALA A 96 -23.48 -14.98 14.12
N TYR A 97 -23.02 -15.15 12.89
CA TYR A 97 -22.61 -14.04 12.05
C TYR A 97 -23.26 -14.10 10.68
N LYS A 98 -23.53 -12.92 10.12
CA LYS A 98 -23.82 -12.80 8.69
C LYS A 98 -22.51 -12.63 7.93
N THR A 99 -22.36 -13.37 6.83
CA THR A 99 -21.15 -13.35 6.01
C THR A 99 -21.41 -12.53 4.75
N THR A 100 -20.61 -11.49 4.52
CA THR A 100 -20.76 -10.67 3.33
C THR A 100 -19.43 -10.51 2.62
N GLN A 101 -19.39 -10.89 1.35
CA GLN A 101 -18.22 -10.74 0.50
C GLN A 101 -18.24 -9.38 -0.20
N ALA A 102 -17.06 -8.80 -0.40
CA ALA A 102 -16.99 -7.51 -1.08
C ALA A 102 -15.60 -7.30 -1.64
N ASN A 103 -15.50 -6.33 -2.54
CA ASN A 103 -14.22 -5.90 -3.10
C ASN A 103 -14.09 -4.42 -2.83
N LYS A 104 -13.19 -4.05 -1.93
CA LYS A 104 -13.12 -2.68 -1.45
C LYS A 104 -11.67 -2.35 -1.13
N HIS A 105 -11.39 -1.06 -1.03
CA HIS A 105 -10.08 -0.63 -0.56
C HIS A 105 -10.03 -0.79 0.95
N ILE A 106 -8.93 -1.35 1.45
CA ILE A 106 -8.81 -1.52 2.90
C ILE A 106 -8.03 -0.35 3.49
N ILE A 107 -8.29 -0.04 4.75
CA ILE A 107 -7.53 0.94 5.53
C ILE A 107 -7.00 0.25 6.76
N VAL A 108 -5.66 0.20 6.90
CA VAL A 108 -5.04 -0.44 8.06
C VAL A 108 -4.15 0.58 8.76
N ALA A 109 -3.97 0.39 10.07
CA ALA A 109 -2.97 1.15 10.84
C ALA A 109 -1.69 0.33 10.93
N CYS A 110 -0.55 1.01 10.75
CA CYS A 110 0.73 0.31 10.74
C CYS A 110 1.64 0.87 11.83
N GLU A 111 2.52 0.01 12.37
CA GLU A 111 3.43 0.39 13.44
C GLU A 111 4.67 -0.49 13.36
N GLY A 112 5.76 -0.01 13.98
CA GLY A 112 6.93 -0.84 14.23
C GLY A 112 8.01 -0.74 13.17
N ASN A 113 9.08 -1.48 13.44
CA ASN A 113 10.19 -1.65 12.51
C ASN A 113 10.50 -3.14 12.47
N PRO A 114 10.10 -3.85 11.42
CA PRO A 114 9.53 -3.30 10.18
C PRO A 114 8.09 -2.74 10.36
N TYR A 115 7.71 -1.83 9.48
CA TYR A 115 6.42 -1.13 9.56
C TYR A 115 5.37 -2.01 8.93
N VAL A 116 4.47 -2.56 9.76
CA VAL A 116 3.55 -3.61 9.33
C VAL A 116 2.16 -3.35 9.88
N PRO A 117 1.14 -3.99 9.29
CA PRO A 117 -0.23 -3.74 9.77
C PRO A 117 -0.43 -4.29 11.18
N VAL A 118 -1.09 -3.49 12.04
CA VAL A 118 -1.39 -3.95 13.40
C VAL A 118 -2.88 -3.75 13.72
N HIS A 119 -3.63 -3.09 12.85
CA HIS A 119 -5.03 -2.85 13.14
C HIS A 119 -5.77 -2.67 11.83
N PHE A 120 -6.97 -3.27 11.75
CA PHE A 120 -7.84 -3.06 10.59
C PHE A 120 -8.81 -1.92 10.90
N ASP A 121 -8.73 -0.81 10.13
CA ASP A 121 -9.53 0.36 10.50
C ASP A 121 -10.86 0.47 9.77
N ALA A 122 -10.89 0.15 8.48
CA ALA A 122 -12.09 0.41 7.68
C ALA A 122 -11.91 -0.20 6.31
N SER A 123 -13.04 -0.32 5.59
CA SER A 123 -12.99 -0.57 4.16
C SER A 123 -13.85 0.47 3.49
N VAL A 124 -13.46 0.90 2.30
CA VAL A 124 -14.17 1.98 1.61
C VAL A 124 -14.28 1.68 0.13
N LYS B 1 -10.80 13.49 -6.42
CA LYS B 1 -9.76 13.63 -7.45
C LYS B 1 -8.40 13.54 -6.78
N GLU B 2 -7.53 12.68 -7.27
CA GLU B 2 -6.18 12.56 -6.70
C GLU B 2 -5.37 13.85 -6.91
N THR B 3 -4.71 14.31 -5.86
CA THR B 3 -3.88 15.50 -6.06
C THR B 3 -2.58 15.09 -6.74
N ALA B 4 -1.86 16.09 -7.26
CA ALA B 4 -0.55 15.84 -7.85
C ALA B 4 0.43 15.27 -6.82
N ALA B 5 0.42 15.83 -5.61
CA ALA B 5 1.30 15.30 -4.57
C ALA B 5 0.97 13.84 -4.28
N ALA B 6 -0.33 13.52 -4.24
CA ALA B 6 -0.71 12.14 -3.95
C ALA B 6 -0.34 11.22 -5.10
N LYS B 7 -0.49 11.70 -6.33
CA LYS B 7 -0.10 10.90 -7.47
C LYS B 7 1.40 10.64 -7.45
N PHE B 8 2.19 11.63 -7.03
CA PHE B 8 3.63 11.38 -6.90
C PHE B 8 3.91 10.27 -5.89
N GLU B 9 3.22 10.29 -4.76
CA GLU B 9 3.44 9.23 -3.77
C GLU B 9 3.04 7.86 -4.32
N ARG B 10 1.91 7.79 -5.03
CA ARG B 10 1.47 6.50 -5.56
C ARG B 10 2.44 5.98 -6.62
N GLN B 11 2.92 6.88 -7.47
CA GLN B 11 3.77 6.41 -8.56
C GLN B 11 5.20 6.23 -8.15
N HIS B 12 5.67 6.95 -7.13
CA HIS B 12 7.10 6.99 -6.91
C HIS B 12 7.60 6.67 -5.50
N MET B 13 6.73 6.57 -4.50
CA MET B 13 7.20 6.31 -3.15
C MET B 13 6.93 4.87 -2.74
N ASP B 14 7.98 4.19 -2.34
CA ASP B 14 7.84 2.91 -1.66
C ASP B 14 8.93 2.86 -0.59
N SER B 15 8.68 3.51 0.54
CA SER B 15 9.72 3.58 1.62
C SER B 15 9.85 2.24 2.37
N SER B 16 8.85 1.37 2.22
CA SER B 16 8.82 0.05 2.90
C SER B 16 10.22 -0.57 2.95
N THR B 17 10.82 -0.91 1.80
CA THR B 17 12.09 -1.68 1.81
C THR B 17 13.33 -0.81 1.61
N SER B 18 14.52 -1.42 1.54
CA SER B 18 15.77 -0.63 1.38
C SER B 18 16.30 -0.72 -0.05
N ALA B 19 15.66 -1.54 -0.91
CA ALA B 19 16.18 -1.73 -2.27
C ALA B 19 15.29 -2.70 -3.02
N ALA B 20 15.45 -2.71 -4.35
CA ALA B 20 14.80 -3.68 -5.23
C ALA B 20 15.27 -5.08 -4.91
N SER B 21 14.45 -5.90 -4.23
CA SER B 21 14.98 -7.17 -3.76
C SER B 21 14.74 -8.31 -4.75
N SER B 22 13.49 -8.57 -5.13
CA SER B 22 13.16 -9.63 -6.08
C SER B 22 13.09 -9.07 -7.50
N SER B 23 13.49 -9.88 -8.48
CA SER B 23 13.42 -9.41 -9.87
C SER B 23 11.99 -9.29 -10.36
N ASN B 24 11.02 -9.77 -9.59
CA ASN B 24 9.61 -9.61 -9.92
C ASN B 24 9.01 -8.34 -9.29
N TYR B 25 9.83 -7.53 -8.62
CA TYR B 25 9.32 -6.37 -7.90
C TYR B 25 8.55 -5.44 -8.83
N CYS B 26 9.13 -5.10 -9.97
CA CYS B 26 8.47 -4.15 -10.87
C CYS B 26 7.17 -4.68 -11.42
N ASN B 27 7.14 -5.96 -11.84
CA ASN B 27 5.88 -6.53 -12.31
C ASN B 27 4.78 -6.36 -11.27
N GLN B 28 5.09 -6.62 -10.00
CA GLN B 28 4.09 -6.54 -8.95
C GLN B 28 3.74 -5.10 -8.62
N MET B 29 4.75 -4.23 -8.55
CA MET B 29 4.53 -2.84 -8.11
C MET B 29 3.83 -2.03 -9.18
N MET B 30 4.21 -2.21 -10.44
CA MET B 30 3.54 -1.47 -11.51
C MET B 30 2.06 -1.81 -11.54
N LYS B 31 1.71 -3.07 -11.25
CA LYS B 31 0.30 -3.43 -11.15
C LYS B 31 -0.30 -2.90 -9.85
N SER B 32 0.39 -3.13 -8.73
CA SER B 32 -0.05 -2.69 -7.40
C SER B 32 -0.43 -1.21 -7.39
N ARG B 33 0.35 -0.37 -8.07
CA ARG B 33 0.19 1.07 -8.02
C ARG B 33 -0.65 1.61 -9.15
N ASN B 34 -1.33 0.73 -9.90
CA ASN B 34 -2.29 1.12 -10.91
C ASN B 34 -1.63 1.73 -12.15
N LEU B 35 -0.42 1.29 -12.45
CA LEU B 35 0.34 1.80 -13.59
C LEU B 35 0.30 0.86 -14.80
N THR B 36 -0.53 -0.19 -14.74
CA THR B 36 -0.77 -1.10 -15.86
C THR B 36 -2.24 -1.24 -16.19
N LYS B 37 -3.06 -0.25 -15.82
CA LYS B 37 -4.51 -0.36 -15.96
C LYS B 37 -4.96 -0.41 -17.41
N ASP B 38 -4.81 0.70 -18.14
CA ASP B 38 -5.21 0.75 -19.53
C ASP B 38 -4.06 0.54 -20.48
N ARG B 39 -2.83 0.78 -20.04
CA ARG B 39 -1.63 0.55 -20.82
C ARG B 39 -0.53 0.18 -19.85
N CYS B 40 0.57 -0.33 -20.38
CA CYS B 40 1.77 -0.54 -19.58
C CYS B 40 2.52 0.78 -19.52
N LYS B 41 2.61 1.38 -18.32
CA LYS B 41 3.48 2.55 -18.23
C LYS B 41 4.92 2.10 -18.49
N PRO B 42 5.63 2.70 -19.45
CA PRO B 42 6.90 2.08 -19.87
C PRO B 42 8.05 2.25 -18.90
N VAL B 43 8.19 3.41 -18.24
CA VAL B 43 9.35 3.71 -17.41
C VAL B 43 8.87 4.34 -16.10
N ASN B 44 9.32 3.80 -14.97
CA ASN B 44 8.89 4.38 -13.70
C ASN B 44 9.88 4.04 -12.60
N THR B 45 10.19 5.01 -11.77
CA THR B 45 11.15 4.84 -10.68
C THR B 45 10.46 4.89 -9.32
N PHE B 46 10.81 3.93 -8.44
CA PHE B 46 10.33 3.93 -7.07
C PHE B 46 11.46 4.30 -6.11
N VAL B 47 11.17 5.16 -5.15
CA VAL B 47 12.17 5.70 -4.23
C VAL B 47 11.94 5.08 -2.86
N HIS B 48 13.01 4.55 -2.26
CA HIS B 48 12.88 3.77 -1.03
C HIS B 48 13.19 4.55 0.25
N GLU B 49 13.59 5.81 0.14
CA GLU B 49 13.89 6.63 1.30
C GLU B 49 12.58 7.06 1.99
N SER B 50 12.71 7.65 3.18
CA SER B 50 11.52 8.12 3.88
C SER B 50 10.86 9.25 3.09
N LEU B 51 9.55 9.39 3.26
CA LEU B 51 8.85 10.52 2.67
C LEU B 51 9.45 11.86 3.12
N ALA B 52 9.80 11.98 4.41
CA ALA B 52 10.41 13.23 4.85
C ALA B 52 11.70 13.53 4.10
N ASP B 53 12.52 12.51 3.84
CA ASP B 53 13.78 12.76 3.14
C ASP B 53 13.53 13.18 1.69
N VAL B 54 12.54 12.57 1.04
CA VAL B 54 12.20 12.95 -0.33
C VAL B 54 11.59 14.35 -0.36
N GLN B 55 10.67 14.66 0.57
CA GLN B 55 10.11 16.00 0.56
C GLN B 55 11.16 17.08 0.81
N ALA B 56 12.19 16.75 1.60
CA ALA B 56 13.27 17.69 1.87
C ALA B 56 14.07 18.04 0.62
N VAL B 57 13.98 17.19 -0.43
CA VAL B 57 14.65 17.55 -1.69
C VAL B 57 14.17 18.90 -2.21
N CYS B 58 12.95 19.30 -1.86
CA CYS B 58 12.43 20.59 -2.34
C CYS B 58 13.13 21.80 -1.73
N SER B 59 14.07 21.57 -0.79
CA SER B 59 14.91 22.66 -0.29
CA SER B 59 14.91 22.63 -0.25
C SER B 59 16.38 22.44 -0.60
N GLN B 60 16.69 21.62 -1.61
CA GLN B 60 18.08 21.31 -1.94
C GLN B 60 18.47 22.00 -3.24
N LYS B 61 19.09 21.31 -4.22
CA LYS B 61 19.74 21.99 -5.33
C LYS B 61 18.69 22.34 -6.39
N ASN B 62 18.33 23.61 -6.52
CA ASN B 62 17.42 24.03 -7.58
C ASN B 62 18.07 23.86 -8.95
N VAL B 63 17.35 23.18 -9.87
CA VAL B 63 17.78 22.96 -11.26
C VAL B 63 16.57 23.14 -12.17
N ALA B 64 16.84 23.34 -13.46
CA ALA B 64 15.74 23.35 -14.41
C ALA B 64 15.15 21.96 -14.62
N CYS B 65 13.84 21.91 -14.94
CA CYS B 65 13.16 20.68 -15.29
C CYS B 65 13.30 20.43 -16.77
N LYS B 66 13.13 19.17 -17.16
CA LYS B 66 13.14 18.82 -18.59
C LYS B 66 12.24 19.73 -19.42
N ASN B 67 11.06 20.07 -18.89
CA ASN B 67 10.12 20.92 -19.62
C ASN B 67 10.49 22.40 -19.63
N GLY B 68 11.60 22.80 -19.01
CA GLY B 68 12.04 24.17 -19.00
C GLY B 68 11.55 25.01 -17.84
N GLN B 69 10.58 24.51 -17.07
CA GLN B 69 10.23 25.15 -15.81
C GLN B 69 11.41 25.04 -14.85
N THR B 70 11.44 25.92 -13.86
CA THR B 70 12.62 25.99 -13.00
C THR B 70 12.30 25.66 -11.55
N ASN B 71 11.25 24.87 -11.31
CA ASN B 71 10.88 24.41 -9.97
C ASN B 71 11.34 22.98 -9.71
N CYS B 72 12.46 22.54 -10.31
CA CYS B 72 13.01 21.22 -10.03
C CYS B 72 14.15 21.31 -9.03
N TYR B 73 14.38 20.19 -8.33
CA TYR B 73 15.37 20.11 -7.28
C TYR B 73 16.04 18.75 -7.36
N GLN B 74 17.37 18.77 -7.31
CA GLN B 74 18.17 17.56 -7.22
C GLN B 74 18.56 17.30 -5.77
N SER B 75 18.43 16.04 -5.36
CA SER B 75 18.83 15.65 -4.01
C SER B 75 20.34 15.77 -3.87
N TYR B 76 20.79 16.33 -2.74
CA TYR B 76 22.22 16.46 -2.53
C TYR B 76 22.84 15.07 -2.35
N SER B 77 22.14 14.16 -1.72
CA SER B 77 22.62 12.83 -1.46
C SER B 77 22.07 11.84 -2.49
N THR B 78 22.80 10.73 -2.67
CA THR B 78 22.18 9.65 -3.41
C THR B 78 21.12 8.98 -2.56
N MET B 79 20.15 8.36 -3.23
CA MET B 79 19.03 7.67 -2.61
C MET B 79 18.89 6.28 -3.20
N SER B 80 18.42 5.36 -2.39
CA SER B 80 18.07 4.03 -2.85
C SER B 80 16.80 4.09 -3.70
N ILE B 81 16.90 3.66 -4.96
CA ILE B 81 15.79 3.64 -5.91
C ILE B 81 15.74 2.29 -6.64
N THR B 82 14.57 2.00 -7.22
CA THR B 82 14.40 0.92 -8.18
C THR B 82 13.92 1.52 -9.50
N ASP B 83 14.62 1.23 -10.58
CA ASP B 83 14.17 1.64 -11.91
C ASP B 83 13.38 0.49 -12.52
N CYS B 84 12.16 0.78 -12.95
CA CYS B 84 11.32 -0.18 -13.64
C CYS B 84 11.23 0.23 -15.10
N ARG B 85 11.60 -0.66 -16.02
CA ARG B 85 11.49 -0.37 -17.44
C ARG B 85 10.88 -1.57 -18.15
N GLU B 86 9.84 -1.30 -18.93
CA GLU B 86 9.17 -2.36 -19.66
C GLU B 86 10.15 -3.07 -20.59
N THR B 87 10.00 -4.40 -20.69
CA THR B 87 10.83 -5.17 -21.60
C THR B 87 10.42 -4.89 -23.05
N GLY B 88 11.33 -5.24 -23.97
CA GLY B 88 11.03 -5.04 -25.37
C GLY B 88 9.90 -5.92 -25.87
N SER B 89 9.64 -7.05 -25.22
CA SER B 89 8.58 -7.96 -25.64
C SER B 89 7.31 -7.83 -24.81
N SER B 90 7.23 -6.86 -23.91
CA SER B 90 6.02 -6.71 -23.10
C SER B 90 4.89 -6.16 -23.96
N LYS B 91 3.69 -6.70 -23.75
CA LYS B 91 2.50 -6.26 -24.44
C LYS B 91 1.34 -6.33 -23.46
N TYR B 92 0.64 -5.23 -23.31
CA TYR B 92 -0.55 -5.18 -22.48
C TYR B 92 -1.57 -6.19 -22.99
N PRO B 93 -2.35 -6.84 -22.11
CA PRO B 93 -2.47 -6.62 -20.66
C PRO B 93 -1.39 -7.31 -19.82
N ASN B 94 -0.52 -8.11 -20.43
CA ASN B 94 0.53 -8.81 -19.68
C ASN B 94 1.79 -7.96 -19.68
N CYS B 95 1.75 -6.90 -18.87
CA CYS B 95 2.86 -5.95 -18.84
C CYS B 95 4.04 -6.59 -18.12
N ALA B 96 5.24 -6.44 -18.69
CA ALA B 96 6.43 -7.10 -18.18
C ALA B 96 7.56 -6.09 -18.07
N TYR B 97 8.26 -6.11 -16.94
CA TYR B 97 9.28 -5.12 -16.63
C TYR B 97 10.57 -5.78 -16.20
N LYS B 98 11.69 -5.10 -16.45
CA LYS B 98 12.93 -5.44 -15.79
C LYS B 98 13.12 -4.51 -14.59
N THR B 99 13.57 -5.10 -13.48
CA THR B 99 13.79 -4.39 -12.23
C THR B 99 15.29 -4.13 -12.08
N THR B 100 15.67 -2.87 -11.84
CA THR B 100 17.08 -2.55 -11.60
C THR B 100 17.24 -1.70 -10.35
N GLN B 101 18.01 -2.19 -9.38
CA GLN B 101 18.29 -1.39 -8.20
C GLN B 101 19.42 -0.42 -8.49
N ALA B 102 19.31 0.78 -7.91
CA ALA B 102 20.35 1.77 -8.08
C ALA B 102 20.37 2.69 -6.86
N ASN B 103 21.45 3.46 -6.77
CA ASN B 103 21.63 4.48 -5.73
C ASN B 103 22.02 5.75 -6.47
N LYS B 104 21.08 6.68 -6.60
CA LYS B 104 21.37 7.86 -7.41
C LYS B 104 20.68 9.06 -6.82
N HIS B 105 21.08 10.23 -7.30
CA HIS B 105 20.38 11.44 -6.90
C HIS B 105 19.07 11.51 -7.68
N ILE B 106 18.00 11.97 -7.03
CA ILE B 106 16.73 12.15 -7.72
C ILE B 106 16.53 13.63 -8.02
N ILE B 107 15.83 13.91 -9.13
CA ILE B 107 15.42 15.26 -9.51
C ILE B 107 13.91 15.25 -9.59
N VAL B 108 13.26 16.13 -8.83
CA VAL B 108 11.81 16.16 -8.75
C VAL B 108 11.38 17.63 -8.93
N ALA B 109 10.15 17.82 -9.42
CA ALA B 109 9.55 19.15 -9.45
C ALA B 109 8.71 19.31 -8.19
N CYS B 110 8.80 20.48 -7.60
CA CYS B 110 8.06 20.78 -6.36
C CYS B 110 7.03 21.89 -6.57
N GLU B 111 5.89 21.74 -5.90
CA GLU B 111 4.84 22.73 -6.05
C GLU B 111 3.88 22.62 -4.88
N GLY B 112 3.20 23.74 -4.60
CA GLY B 112 2.06 23.75 -3.72
C GLY B 112 2.41 24.02 -2.27
N ASN B 113 1.40 23.96 -1.43
CA ASN B 113 1.54 24.23 0.00
C ASN B 113 0.88 23.10 0.76
N PRO B 114 1.63 22.24 1.45
CA PRO B 114 3.08 22.27 1.61
C PRO B 114 3.83 22.03 0.31
N TYR B 115 5.05 22.53 0.28
CA TYR B 115 5.84 22.53 -0.96
C TYR B 115 6.56 21.19 -1.11
N VAL B 116 5.98 20.31 -1.95
CA VAL B 116 6.35 18.91 -1.99
C VAL B 116 6.53 18.44 -3.42
N PRO B 117 7.09 17.24 -3.63
CA PRO B 117 7.27 16.77 -5.03
C PRO B 117 5.95 16.45 -5.72
N VAL B 118 5.87 16.84 -6.99
CA VAL B 118 4.67 16.57 -7.79
C VAL B 118 5.03 15.88 -9.11
N HIS B 119 6.32 15.87 -9.41
CA HIS B 119 6.85 15.20 -10.64
CA HIS B 119 6.86 15.21 -10.65
C HIS B 119 8.32 14.62 -10.56
N PHE B 120 8.39 13.36 -11.01
CA PHE B 120 9.71 12.76 -10.99
C PHE B 120 10.36 13.04 -12.34
N ASP B 121 11.45 13.83 -12.33
CA ASP B 121 12.08 14.29 -13.57
C ASP B 121 13.16 13.34 -14.05
N ALA B 122 14.04 12.87 -13.17
CA ALA B 122 15.14 12.01 -13.61
C ALA B 122 15.89 11.55 -12.37
N SER B 123 16.78 10.57 -12.55
CA SER B 123 17.82 10.29 -11.59
C SER B 123 19.19 10.49 -12.24
N VAL B 124 20.13 11.01 -11.48
CA VAL B 124 21.48 11.27 -11.99
C VAL B 124 22.55 10.73 -11.03
#